data_5V4Q
#
_entry.id   5V4Q
#
_cell.length_a   105.512
_cell.length_b   127.345
_cell.length_c   103.069
_cell.angle_alpha   90.00
_cell.angle_beta   90.00
_cell.angle_gamma   90.00
#
_symmetry.space_group_name_H-M   'C 2 2 21'
#
loop_
_entity.id
_entity.type
_entity.pdbx_description
1 polymer 'Gamma-glutamyltranspeptidase 1 heavy chain'
2 polymer 'Gamma-glutamyltranspeptidase 1 light chain'
3 non-polymer 2-acetamido-2-deoxy-beta-D-glucopyranose
4 non-polymer 'CHLORIDE ION'
5 non-polymer 'SODIUM ION'
6 non-polymer 5,5-dihydroxy-L-norleucine
7 water water
#
loop_
_entity_poly.entity_id
_entity_poly.type
_entity_poly.pdbx_seq_one_letter_code
_entity_poly.pdbx_strand_id
1 'polypeptide(L)'
;SASKEPDNHVYTRAAVAADAKQCSKIGRDALRDGGSAVDAAIAALLCVGLMNAHSMGIGGGLFLTIYNSTTRKAEVINAR
EVAPRLAFATMFNSSEQSQKGGLSVAVPGEIRGYELAHQRHGRLPWARLFQPSIQLARQGFPVGKGLAAALENKRTVIEQ
QPVLCEVFCRDRKVLREGERLTLPQLADTYETLAIEGAQAFYNGSLTAQIVKDIQAAGGIVTAEDLNNYRAELIEHPLNI
SLGDAVLYMPSAPLSGPVLALILNILKGYNFSRESVESPEQKGLTYHRIVEAFRFAYAKRTLLGDPKFVDVTEVVRNMTS
EFFAAQLRAQISDDTTHPISYYKPEFYTPDDGG
;
A
2 'polypeptide(L)'
;TAHLSVVAEDGSAVSATSTINLYFGSKVRSPVSGILFNNEMDDFSSPSITNEFGVPPSPANFIQPGKQPLSSMCPTIMVG
QDGQVRMVVGAAGGTQITTATALAIIYNLWFGYDVKRAVEEPRLHNQLLPNVTTVERNIDQAVTAALETRHHHTQIASTF
IAVVQAIVRTAGGWAAASDSRKGGEPAGY
;
B
#
loop_
_chem_comp.id
_chem_comp.type
_chem_comp.name
_chem_comp.formula
CL non-polymer 'CHLORIDE ION' 'Cl -1'
NA non-polymer 'SODIUM ION' 'Na 1'
NAG D-saccharide, beta linking 2-acetamido-2-deoxy-beta-D-glucopyranose 'C8 H15 N O6'
#
# COMPACT_ATOMS: atom_id res chain seq x y z
N ASP A 7 20.26 6.18 -14.30
CA ASP A 7 20.24 5.20 -15.44
C ASP A 7 20.56 3.77 -14.98
N ASN A 8 21.51 3.67 -14.05
CA ASN A 8 21.73 2.45 -13.26
C ASN A 8 20.88 2.45 -11.97
N HIS A 9 20.56 3.67 -11.49
CA HIS A 9 19.72 3.86 -10.32
C HIS A 9 20.42 3.36 -9.06
N VAL A 10 21.74 3.41 -9.06
CA VAL A 10 22.51 3.33 -7.84
C VAL A 10 23.00 4.74 -7.51
N TYR A 11 22.68 5.24 -6.34
CA TYR A 11 23.03 6.60 -6.00
C TYR A 11 23.91 6.68 -4.77
N THR A 12 24.90 7.56 -4.80
CA THR A 12 25.89 7.70 -3.72
C THR A 12 25.31 8.28 -2.44
N ARG A 13 24.39 9.22 -2.58
CA ARG A 13 23.95 10.01 -1.44
C ARG A 13 22.48 9.79 -1.05
N ALA A 14 21.57 9.78 -2.04
CA ALA A 14 20.15 9.71 -1.70
C ALA A 14 19.32 9.18 -2.84
N ALA A 15 18.11 8.71 -2.54
CA ALA A 15 17.25 8.06 -3.55
C ALA A 15 15.76 8.12 -3.23
N VAL A 16 14.96 8.19 -4.28
CA VAL A 16 13.52 8.19 -4.17
C VAL A 16 13.01 7.14 -5.16
N ALA A 17 12.27 6.14 -4.68
CA ALA A 17 11.63 5.17 -5.57
C ALA A 17 10.10 5.30 -5.50
N ALA A 18 9.55 5.90 -6.56
CA ALA A 18 8.08 6.09 -6.74
C ALA A 18 7.62 5.45 -8.03
N ASP A 19 6.31 5.34 -8.22
CA ASP A 19 5.77 4.63 -9.36
C ASP A 19 5.54 5.56 -10.57
N ALA A 20 6.10 6.76 -10.51
CA ALA A 20 6.15 7.65 -11.67
C ALA A 20 7.47 8.43 -11.65
N LYS A 21 8.16 8.42 -12.79
CA LYS A 21 9.47 9.07 -12.91
C LYS A 21 9.41 10.53 -12.46
N GLN A 22 8.41 11.27 -12.94
CA GLN A 22 8.24 12.67 -12.61
C GLN A 22 8.15 12.89 -11.09
N CYS A 23 7.41 12.03 -10.39
CA CYS A 23 7.31 12.10 -8.94
C CYS A 23 8.58 11.68 -8.18
N SER A 24 9.30 10.66 -8.65
CA SER A 24 10.60 10.37 -8.02
C SER A 24 11.48 11.60 -8.12
N LYS A 25 11.43 12.30 -9.25
CA LYS A 25 12.21 13.51 -9.51
C LYS A 25 11.82 14.64 -8.59
N ILE A 26 10.53 14.81 -8.39
CA ILE A 26 10.06 15.83 -7.49
C ILE A 26 10.49 15.53 -6.04
N GLY A 27 10.48 14.25 -5.66
CA GLY A 27 11.06 13.83 -4.36
C GLY A 27 12.54 14.19 -4.27
N ARG A 28 13.27 13.83 -5.30
CA ARG A 28 14.70 14.05 -5.36
C ARG A 28 15.10 15.53 -5.19
N ASP A 29 14.39 16.42 -5.90
CA ASP A 29 14.62 17.87 -5.82
C ASP A 29 14.34 18.41 -4.42
N ALA A 30 13.30 17.89 -3.78
CA ALA A 30 13.05 18.21 -2.38
C ALA A 30 14.28 17.85 -1.54
N LEU A 31 14.83 16.65 -1.72
CA LEU A 31 16.04 16.27 -0.97
C LEU A 31 17.21 17.24 -1.24
N ARG A 32 17.45 17.51 -2.53
CA ARG A 32 18.51 18.43 -2.98
CA ARG A 32 18.50 18.43 -2.97
C ARG A 32 18.40 19.83 -2.38
N ASP A 33 17.18 20.35 -2.27
CA ASP A 33 16.98 21.67 -1.67
C ASP A 33 17.02 21.60 -0.12
N GLY A 34 17.42 20.47 0.46
CA GLY A 34 17.54 20.38 1.92
C GLY A 34 16.37 19.76 2.70
N GLY A 35 15.35 19.24 2.01
CA GLY A 35 14.28 18.51 2.69
C GLY A 35 14.77 17.26 3.44
N SER A 36 14.10 16.90 4.54
CA SER A 36 14.24 15.60 5.16
C SER A 36 13.61 14.55 4.22
N ALA A 37 13.79 13.28 4.56
CA ALA A 37 13.16 12.18 3.86
C ALA A 37 11.62 12.33 3.89
N VAL A 38 11.07 12.82 4.99
CA VAL A 38 9.64 13.11 5.07
C VAL A 38 9.15 14.21 4.05
N ASP A 39 9.86 15.34 3.97
CA ASP A 39 9.48 16.38 2.99
C ASP A 39 9.40 15.79 1.60
N ALA A 40 10.41 15.01 1.25
CA ALA A 40 10.53 14.38 -0.05
C ALA A 40 9.40 13.39 -0.30
N ALA A 41 9.03 12.63 0.74
CA ALA A 41 7.95 11.65 0.62
C ALA A 41 6.65 12.41 0.36
N ILE A 42 6.45 13.47 1.12
CA ILE A 42 5.21 14.26 0.97
C ILE A 42 5.11 14.89 -0.43
N ALA A 43 6.18 15.54 -0.86
CA ALA A 43 6.23 16.19 -2.17
C ALA A 43 5.95 15.19 -3.30
N ALA A 44 6.57 14.01 -3.22
CA ALA A 44 6.37 12.91 -4.20
C ALA A 44 4.95 12.30 -4.14
N LEU A 45 4.40 12.17 -2.94
CA LEU A 45 3.05 11.65 -2.77
C LEU A 45 1.99 12.59 -3.38
N LEU A 46 2.16 13.89 -3.18
CA LEU A 46 1.25 14.85 -3.77
C LEU A 46 1.24 14.71 -5.29
N CYS A 47 2.40 14.38 -5.85
CA CYS A 47 2.55 14.20 -7.29
C CYS A 47 1.90 12.92 -7.79
N VAL A 48 2.06 11.84 -7.01
CA VAL A 48 1.55 10.54 -7.40
C VAL A 48 0.03 10.57 -7.37
N GLY A 49 -0.51 11.37 -6.46
CA GLY A 49 -1.94 11.59 -6.43
C GLY A 49 -2.45 12.26 -7.69
N LEU A 50 -1.56 12.85 -8.50
CA LEU A 50 -2.00 13.44 -9.77
C LEU A 50 -1.79 12.46 -10.92
N MET A 51 -0.57 11.95 -11.05
CA MET A 51 -0.20 11.10 -12.17
C MET A 51 -0.73 9.69 -12.07
N ASN A 52 -0.99 9.24 -10.85
CA ASN A 52 -1.63 7.96 -10.66
C ASN A 52 -2.87 8.15 -9.81
N ALA A 53 -3.75 8.97 -10.38
CA ALA A 53 -4.97 9.41 -9.71
C ALA A 53 -5.93 8.26 -9.40
N HIS A 54 -5.83 7.16 -10.15
CA HIS A 54 -6.68 6.01 -9.85
C HIS A 54 -6.28 5.26 -8.54
N SER A 55 -5.04 5.45 -8.06
N SER A 55 -5.07 5.50 -8.04
CA SER A 55 -4.50 4.64 -6.96
CA SER A 55 -4.47 4.64 -7.01
C SER A 55 -4.65 5.29 -5.58
C SER A 55 -4.31 5.26 -5.62
N MET A 56 -4.39 6.58 -5.52
CA MET A 56 -4.19 7.30 -4.24
C MET A 56 -4.43 8.78 -4.46
N GLY A 57 -4.54 9.53 -3.36
CA GLY A 57 -4.72 10.98 -3.44
C GLY A 57 -5.23 11.55 -2.14
N ILE A 58 -5.52 12.86 -2.18
CA ILE A 58 -5.97 13.58 -0.97
C ILE A 58 -7.38 13.14 -0.54
N GLY A 59 -8.09 12.40 -1.39
CA GLY A 59 -9.38 11.83 -0.96
C GLY A 59 -9.27 10.48 -0.25
N GLY A 60 -8.05 10.06 0.13
CA GLY A 60 -7.85 8.76 0.72
C GLY A 60 -7.08 8.76 2.02
N GLY A 61 -6.29 7.72 2.26
CA GLY A 61 -5.60 7.59 3.54
C GLY A 61 -4.18 7.07 3.37
N LEU A 62 -3.36 7.20 4.42
CA LEU A 62 -1.99 6.71 4.35
C LEU A 62 -1.36 6.18 5.64
N PHE A 63 -0.31 5.39 5.48
CA PHE A 63 0.56 5.05 6.58
C PHE A 63 2.01 5.32 6.16
N LEU A 64 2.79 5.88 7.06
CA LEU A 64 4.22 6.10 6.88
C LEU A 64 4.96 5.34 7.98
N THR A 65 6.03 4.65 7.58
CA THR A 65 7.02 4.11 8.49
C THR A 65 8.26 4.99 8.31
N ILE A 66 8.74 5.54 9.41
CA ILE A 66 9.81 6.53 9.40
C ILE A 66 10.96 6.06 10.31
N TYR A 67 12.18 6.05 9.76
CA TYR A 67 13.38 5.71 10.55
C TYR A 67 14.35 6.88 10.60
N ASN A 68 14.74 7.23 11.82
CA ASN A 68 15.72 8.30 12.05
C ASN A 68 17.10 7.69 12.36
N SER A 69 18.04 7.84 11.43
CA SER A 69 19.40 7.26 11.54
C SER A 69 20.23 7.80 12.74
N THR A 70 19.88 8.99 13.22
CA THR A 70 20.61 9.59 14.35
C THR A 70 20.19 9.03 15.72
N THR A 71 18.89 9.02 16.00
CA THR A 71 18.38 8.47 17.25
C THR A 71 18.24 6.96 17.21
N ARG A 72 18.34 6.40 15.99
CA ARG A 72 18.07 4.99 15.70
C ARG A 72 16.69 4.51 16.11
N LYS A 73 15.70 5.39 16.00
CA LYS A 73 14.34 5.04 16.33
C LYS A 73 13.47 5.06 15.08
N ALA A 74 12.55 4.10 15.04
CA ALA A 74 11.53 4.00 14.01
C ALA A 74 10.23 4.45 14.58
N GLU A 75 9.41 5.12 13.77
CA GLU A 75 8.05 5.42 14.19
C GLU A 75 7.05 5.19 13.03
N VAL A 76 5.78 5.09 13.37
CA VAL A 76 4.73 4.93 12.35
C VAL A 76 3.72 6.05 12.49
N ILE A 77 3.34 6.65 11.36
CA ILE A 77 2.19 7.54 11.35
C ILE A 77 0.96 6.88 10.70
N ASN A 78 -0.09 6.71 11.48
CA ASN A 78 -1.35 6.15 11.05
C ASN A 78 -2.27 7.27 10.62
N ALA A 79 -2.47 7.41 9.31
CA ALA A 79 -3.47 8.38 8.77
C ALA A 79 -4.45 7.70 7.80
N ARG A 80 -4.90 6.52 8.19
CA ARG A 80 -5.82 5.76 7.37
C ARG A 80 -7.26 6.27 7.63
N GLU A 81 -8.12 6.17 6.62
CA GLU A 81 -9.55 6.57 6.74
C GLU A 81 -10.27 5.88 7.89
N VAL A 82 -11.32 6.54 8.42
CA VAL A 82 -12.17 5.96 9.48
C VAL A 82 -13.62 6.01 9.03
N ALA A 83 -14.43 5.06 9.52
CA ALA A 83 -15.86 5.07 9.28
C ALA A 83 -16.47 6.36 9.86
N PRO A 84 -17.33 7.04 9.08
CA PRO A 84 -18.04 8.22 9.58
C PRO A 84 -18.82 7.91 10.89
N ARG A 85 -19.14 8.95 11.66
CA ARG A 85 -19.86 8.77 12.94
C ARG A 85 -21.30 8.21 12.74
N LEU A 86 -21.85 8.36 11.55
CA LEU A 86 -23.22 7.89 11.30
C LEU A 86 -23.21 6.49 10.73
N ALA A 87 -22.01 5.93 10.53
CA ALA A 87 -21.85 4.54 10.02
C ALA A 87 -22.29 3.46 11.02
N PHE A 88 -22.70 2.30 10.51
CA PHE A 88 -23.16 1.16 11.32
C PHE A 88 -22.98 -0.17 10.59
N ALA A 89 -22.86 -1.24 11.36
CA ALA A 89 -22.49 -2.54 10.84
C ALA A 89 -23.31 -3.04 9.64
N THR A 90 -24.62 -2.79 9.61
CA THR A 90 -25.45 -3.33 8.50
C THR A 90 -25.83 -2.29 7.43
N MET A 91 -24.96 -1.31 7.22
CA MET A 91 -25.31 -0.21 6.33
C MET A 91 -25.33 -0.59 4.85
N PHE A 92 -24.66 -1.67 4.48
CA PHE A 92 -24.63 -2.10 3.06
C PHE A 92 -25.29 -3.47 2.91
N ASN A 93 -25.99 -3.68 1.79
CA ASN A 93 -26.66 -4.99 1.50
C ASN A 93 -26.22 -5.69 0.21
N SER A 94 -25.36 -5.01 -0.56
CA SER A 94 -24.67 -5.57 -1.72
C SER A 94 -23.24 -5.02 -1.83
N SER A 95 -22.37 -5.74 -2.56
CA SER A 95 -21.01 -5.29 -2.84
C SER A 95 -21.01 -3.94 -3.52
N GLU A 96 -21.91 -3.80 -4.49
CA GLU A 96 -22.11 -2.55 -5.22
C GLU A 96 -22.37 -1.34 -4.30
N GLN A 97 -23.12 -1.52 -3.22
CA GLN A 97 -23.39 -0.41 -2.28
C GLN A 97 -22.10 0.04 -1.58
N SER A 98 -21.19 -0.90 -1.29
CA SER A 98 -19.94 -0.60 -0.56
C SER A 98 -18.81 -0.11 -1.47
N GLN A 99 -19.01 -0.23 -2.77
CA GLN A 99 -17.95 0.07 -3.74
C GLN A 99 -18.16 1.33 -4.55
N LYS A 100 -19.40 1.82 -4.62
CA LYS A 100 -19.72 2.95 -5.49
C LYS A 100 -20.58 3.99 -4.76
N GLY A 101 -20.41 5.27 -5.10
CA GLY A 101 -21.26 6.32 -4.57
C GLY A 101 -20.75 6.81 -3.22
N GLY A 102 -21.42 7.84 -2.69
CA GLY A 102 -20.97 8.55 -1.50
C GLY A 102 -21.01 7.72 -0.25
N LEU A 103 -21.87 6.70 -0.25
CA LEU A 103 -21.99 5.87 0.96
C LEU A 103 -20.72 5.03 1.18
N SER A 104 -19.93 4.82 0.13
CA SER A 104 -18.73 4.00 0.26
C SER A 104 -17.52 4.78 0.78
N VAL A 105 -17.70 6.08 1.04
CA VAL A 105 -16.59 6.98 1.32
C VAL A 105 -16.26 6.96 2.80
N ALA A 106 -15.02 6.70 3.17
CA ALA A 106 -14.65 6.78 4.57
C ALA A 106 -14.04 8.19 4.75
N VAL A 107 -13.91 8.67 6.00
CA VAL A 107 -13.28 9.99 6.29
C VAL A 107 -11.78 10.02 5.87
N PRO A 108 -11.45 10.84 4.84
CA PRO A 108 -10.05 10.87 4.32
C PRO A 108 -9.00 11.34 5.37
N GLY A 109 -7.86 10.66 5.48
CA GLY A 109 -6.87 11.00 6.50
C GLY A 109 -5.59 11.58 5.92
N GLU A 110 -5.51 11.59 4.60
CA GLU A 110 -4.23 11.82 3.92
C GLU A 110 -3.55 13.14 4.35
N ILE A 111 -4.29 14.24 4.25
CA ILE A 111 -3.75 15.56 4.53
C ILE A 111 -3.36 15.74 6.00
N ARG A 112 -4.18 15.29 6.95
CA ARG A 112 -3.73 15.24 8.37
C ARG A 112 -2.45 14.42 8.61
N GLY A 113 -2.25 13.35 7.83
CA GLY A 113 -1.05 12.53 7.93
C GLY A 113 0.20 13.25 7.47
N TYR A 114 0.12 13.93 6.30
CA TYR A 114 1.19 14.75 5.77
C TYR A 114 1.54 15.82 6.84
N GLU A 115 0.53 16.47 7.39
CA GLU A 115 0.74 17.54 8.39
C GLU A 115 1.50 17.08 9.66
N LEU A 116 1.11 15.94 10.21
CA LEU A 116 1.72 15.41 11.41
C LEU A 116 3.18 15.07 11.10
N ALA A 117 3.38 14.41 9.97
CA ALA A 117 4.70 13.94 9.58
C ALA A 117 5.64 15.13 9.36
N HIS A 118 5.10 16.14 8.67
CA HIS A 118 5.78 17.38 8.46
C HIS A 118 6.07 18.16 9.74
N GLN A 119 5.11 18.25 10.65
CA GLN A 119 5.38 18.90 11.95
C GLN A 119 6.50 18.21 12.70
N ARG A 120 6.59 16.89 12.62
CA ARG A 120 7.61 16.22 13.38
C ARG A 120 8.96 16.18 12.69
N HIS A 121 8.97 16.21 11.35
CA HIS A 121 10.17 15.82 10.61
C HIS A 121 10.48 16.71 9.41
N GLY A 122 9.67 17.74 9.17
CA GLY A 122 9.83 18.56 7.97
C GLY A 122 10.98 19.55 8.09
N ARG A 123 11.63 19.86 6.96
CA ARG A 123 12.70 20.85 6.95
C ARG A 123 12.36 21.96 5.97
N LEU A 124 11.61 21.63 4.93
CA LEU A 124 11.13 22.62 3.97
C LEU A 124 9.79 23.20 4.42
N PRO A 125 9.46 24.42 3.95
CA PRO A 125 8.15 24.97 4.22
C PRO A 125 7.07 24.14 3.55
N TRP A 126 5.91 24.10 4.20
CA TRP A 126 4.72 23.36 3.75
C TRP A 126 4.39 23.73 2.29
N ALA A 127 4.32 25.03 1.99
CA ALA A 127 3.96 25.47 0.63
C ALA A 127 4.89 24.90 -0.44
N ARG A 128 6.19 24.89 -0.15
CA ARG A 128 7.17 24.34 -1.08
C ARG A 128 6.87 22.88 -1.50
N LEU A 129 6.20 22.11 -0.64
CA LEU A 129 5.97 20.70 -0.97
C LEU A 129 4.90 20.52 -2.04
N PHE A 130 4.04 21.54 -2.17
CA PHE A 130 2.91 21.55 -3.10
C PHE A 130 3.27 22.16 -4.44
N GLN A 131 4.25 23.06 -4.42
CA GLN A 131 4.59 23.86 -5.60
C GLN A 131 4.74 23.06 -6.91
N PRO A 132 5.57 22.00 -6.91
CA PRO A 132 5.74 21.35 -8.20
C PRO A 132 4.48 20.59 -8.65
N SER A 133 3.63 20.18 -7.71
CA SER A 133 2.42 19.43 -8.12
C SER A 133 1.33 20.36 -8.63
N ILE A 134 1.28 21.57 -8.10
CA ILE A 134 0.36 22.60 -8.59
C ILE A 134 0.69 22.87 -10.05
N GLN A 135 1.99 22.98 -10.37
CA GLN A 135 2.39 23.26 -11.75
C GLN A 135 1.99 22.14 -12.68
N LEU A 136 2.29 20.91 -12.25
CA LEU A 136 2.04 19.73 -13.03
C LEU A 136 0.54 19.55 -13.32
N ALA A 137 -0.30 19.68 -12.30
CA ALA A 137 -1.76 19.56 -12.48
C ALA A 137 -2.32 20.63 -13.43
N ARG A 138 -1.68 21.82 -13.44
CA ARG A 138 -2.19 22.93 -14.26
C ARG A 138 -1.79 22.87 -15.69
N GLN A 139 -0.53 22.51 -15.91
CA GLN A 139 0.07 22.37 -17.23
C GLN A 139 -0.42 21.11 -17.94
N GLY A 140 -0.48 20.00 -17.18
CA GLY A 140 -0.86 18.70 -17.73
C GLY A 140 0.34 17.78 -17.91
N PHE A 141 0.11 16.51 -18.16
CA PHE A 141 1.21 15.56 -18.34
C PHE A 141 0.69 14.45 -19.26
N PRO A 142 1.59 13.80 -20.02
CA PRO A 142 1.13 12.62 -20.79
C PRO A 142 0.69 11.49 -19.83
N VAL A 143 -0.37 10.78 -20.16
CA VAL A 143 -0.87 9.71 -19.34
C VAL A 143 0.13 8.54 -19.33
N GLY A 144 0.46 8.03 -18.14
CA GLY A 144 1.46 6.96 -18.01
C GLY A 144 0.91 5.59 -18.29
N LYS A 145 1.77 4.57 -18.23
CA LYS A 145 1.37 3.18 -18.50
C LYS A 145 0.29 2.70 -17.53
N GLY A 146 0.54 2.84 -16.23
CA GLY A 146 -0.39 2.40 -15.17
C GLY A 146 -1.78 3.06 -15.19
N LEU A 147 -1.80 4.38 -15.28
CA LEU A 147 -3.07 5.09 -15.40
C LEU A 147 -3.84 4.69 -16.65
N ALA A 148 -3.16 4.54 -17.78
CA ALA A 148 -3.84 4.21 -19.06
C ALA A 148 -4.54 2.86 -18.96
N ALA A 149 -3.86 1.90 -18.32
CA ALA A 149 -4.47 0.59 -18.06
C ALA A 149 -5.65 0.65 -17.09
N ALA A 150 -5.57 1.50 -16.08
CA ALA A 150 -6.71 1.64 -15.19
C ALA A 150 -7.89 2.27 -15.93
N LEU A 151 -7.61 3.31 -16.74
CA LEU A 151 -8.67 4.00 -17.54
C LEU A 151 -9.38 3.05 -18.49
N GLU A 152 -8.60 2.18 -19.12
CA GLU A 152 -9.12 1.11 -19.97
C GLU A 152 -10.02 0.17 -19.16
N ASN A 153 -9.48 -0.35 -18.06
CA ASN A 153 -10.20 -1.29 -17.23
C ASN A 153 -11.60 -0.79 -16.87
N LYS A 154 -11.68 0.49 -16.49
CA LYS A 154 -12.91 1.11 -15.98
C LYS A 154 -13.52 2.10 -16.98
N ARG A 155 -13.24 1.88 -18.26
CA ARG A 155 -13.74 2.70 -19.35
C ARG A 155 -15.25 2.96 -19.28
N THR A 156 -16.03 1.90 -19.08
CA THR A 156 -17.48 2.01 -19.06
C THR A 156 -17.94 2.99 -17.99
N VAL A 157 -17.55 2.75 -16.73
CA VAL A 157 -17.98 3.64 -15.66
C VAL A 157 -17.50 5.09 -15.88
N ILE A 158 -16.25 5.30 -16.35
CA ILE A 158 -15.73 6.66 -16.53
C ILE A 158 -16.55 7.40 -17.60
N GLU A 159 -16.79 6.73 -18.72
CA GLU A 159 -17.46 7.36 -19.85
C GLU A 159 -18.92 7.68 -19.59
N GLN A 160 -19.56 6.95 -18.68
CA GLN A 160 -20.99 7.15 -18.35
C GLN A 160 -21.20 8.17 -17.22
N GLN A 161 -20.10 8.57 -16.57
CA GLN A 161 -20.14 9.53 -15.46
C GLN A 161 -19.52 10.87 -15.91
N PRO A 162 -20.38 11.85 -16.27
CA PRO A 162 -19.87 13.10 -16.86
C PRO A 162 -18.85 13.86 -16.01
N VAL A 163 -18.93 13.78 -14.69
CA VAL A 163 -17.94 14.45 -13.81
C VAL A 163 -16.53 13.79 -13.83
N LEU A 164 -16.45 12.51 -14.16
CA LEU A 164 -15.13 11.88 -14.38
C LEU A 164 -14.65 12.06 -15.83
N CYS A 165 -15.60 12.02 -16.75
CA CYS A 165 -15.28 12.23 -18.16
C CYS A 165 -14.70 13.64 -18.41
N GLU A 166 -15.15 14.61 -17.62
CA GLU A 166 -14.64 15.99 -17.59
C GLU A 166 -13.12 16.05 -17.60
N VAL A 167 -12.46 15.20 -16.81
CA VAL A 167 -10.98 15.17 -16.79
C VAL A 167 -10.36 13.91 -17.39
N PHE A 168 -11.03 12.78 -17.27
CA PHE A 168 -10.40 11.55 -17.73
C PHE A 168 -10.75 11.14 -19.17
N CYS A 169 -11.52 11.95 -19.90
CA CYS A 169 -11.75 11.68 -21.32
C CYS A 169 -11.22 12.77 -22.24
N ARG A 170 -11.17 12.43 -23.52
CA ARG A 170 -10.92 13.38 -24.60
C ARG A 170 -11.90 12.98 -25.68
N ASP A 171 -12.77 13.90 -26.07
CA ASP A 171 -13.81 13.62 -27.08
C ASP A 171 -14.68 12.41 -26.69
N ARG A 172 -15.10 12.42 -25.41
CA ARG A 172 -15.99 11.40 -24.82
C ARG A 172 -15.48 9.95 -24.70
N LYS A 173 -14.18 9.74 -24.87
CA LYS A 173 -13.58 8.42 -24.67
C LYS A 173 -12.34 8.51 -23.79
N VAL A 174 -12.13 7.50 -22.93
CA VAL A 174 -11.03 7.55 -21.96
C VAL A 174 -9.70 7.90 -22.62
N LEU A 175 -8.92 8.74 -21.96
CA LEU A 175 -7.55 9.03 -22.36
C LEU A 175 -6.72 7.76 -22.50
N ARG A 176 -5.84 7.73 -23.50
CA ARG A 176 -4.90 6.64 -23.72
C ARG A 176 -3.50 7.09 -23.35
N GLU A 177 -2.58 6.14 -23.22
CA GLU A 177 -1.17 6.41 -22.91
C GLU A 177 -0.60 7.46 -23.86
N GLY A 178 0.13 8.43 -23.32
CA GLY A 178 0.71 9.48 -24.15
C GLY A 178 -0.17 10.73 -24.28
N GLU A 179 -1.50 10.60 -24.19
CA GLU A 179 -2.42 11.75 -24.30
C GLU A 179 -2.31 12.64 -23.05
N ARG A 180 -2.70 13.90 -23.20
CA ARG A 180 -2.50 14.88 -22.13
C ARG A 180 -3.62 14.87 -21.06
N LEU A 181 -3.25 14.68 -19.81
CA LEU A 181 -4.20 14.78 -18.70
C LEU A 181 -3.94 16.09 -17.94
N THR A 182 -4.98 16.90 -17.79
CA THR A 182 -4.91 18.13 -16.99
CA THR A 182 -4.91 18.11 -16.99
C THR A 182 -5.91 18.00 -15.83
N LEU A 183 -5.55 18.56 -14.66
CA LEU A 183 -6.38 18.49 -13.47
C LEU A 183 -6.55 19.89 -12.86
N PRO A 184 -7.33 20.76 -13.55
CA PRO A 184 -7.40 22.18 -13.14
C PRO A 184 -8.07 22.42 -11.79
N GLN A 185 -9.15 21.69 -11.46
CA GLN A 185 -9.76 21.85 -10.15
C GLN A 185 -8.79 21.44 -9.00
N LEU A 186 -8.13 20.29 -9.15
CA LEU A 186 -7.22 19.81 -8.13
C LEU A 186 -6.05 20.75 -7.93
N ALA A 187 -5.64 21.43 -9.01
CA ALA A 187 -4.53 22.36 -8.93
C ALA A 187 -4.89 23.48 -7.97
N ASP A 188 -6.13 23.98 -8.09
CA ASP A 188 -6.65 25.04 -7.22
C ASP A 188 -6.77 24.55 -5.76
N THR A 189 -7.24 23.33 -5.58
CA THR A 189 -7.38 22.72 -4.23
C THR A 189 -6.01 22.58 -3.56
N TYR A 190 -5.02 22.12 -4.34
CA TYR A 190 -3.64 22.02 -3.87
C TYR A 190 -3.09 23.39 -3.49
N GLU A 191 -3.42 24.41 -4.30
CA GLU A 191 -3.00 25.77 -4.00
C GLU A 191 -3.58 26.26 -2.67
N THR A 192 -4.87 26.05 -2.48
CA THR A 192 -5.49 26.35 -1.20
C THR A 192 -4.79 25.61 -0.06
N LEU A 193 -4.53 24.31 -0.23
CA LEU A 193 -3.91 23.56 0.88
C LEU A 193 -2.54 24.13 1.23
N ALA A 194 -1.85 24.67 0.22
CA ALA A 194 -0.47 25.05 0.37
C ALA A 194 -0.40 26.34 1.17
N ILE A 195 -1.37 27.22 0.93
CA ILE A 195 -1.43 28.53 1.55
C ILE A 195 -2.16 28.47 2.90
N GLU A 196 -3.33 27.82 2.97
CA GLU A 196 -4.08 27.77 4.23
C GLU A 196 -3.69 26.59 5.16
N GLY A 197 -2.87 25.67 4.68
CA GLY A 197 -2.55 24.47 5.46
C GLY A 197 -3.67 23.42 5.51
N ALA A 198 -3.42 22.39 6.31
CA ALA A 198 -4.31 21.26 6.44
C ALA A 198 -5.71 21.62 6.96
N GLN A 199 -5.80 22.66 7.79
CA GLN A 199 -7.06 23.17 8.29
C GLN A 199 -8.07 23.48 7.19
N ALA A 200 -7.61 23.91 6.03
CA ALA A 200 -8.56 24.18 4.90
C ALA A 200 -9.45 22.97 4.55
N PHE A 201 -8.88 21.75 4.67
CA PHE A 201 -9.57 20.50 4.32
C PHE A 201 -10.51 20.09 5.48
N TYR A 202 -10.00 20.12 6.72
CA TYR A 202 -10.72 19.50 7.85
C TYR A 202 -11.66 20.41 8.58
N ASN A 203 -11.33 21.70 8.61
CA ASN A 203 -12.05 22.66 9.41
C ASN A 203 -11.78 24.05 8.87
N GLY A 204 -12.12 24.27 7.59
CA GLY A 204 -11.70 25.49 6.89
C GLY A 204 -12.44 25.66 5.56
N SER A 205 -11.79 26.27 4.58
CA SER A 205 -12.50 26.75 3.40
C SER A 205 -12.94 25.66 2.40
N LEU A 206 -12.44 24.43 2.54
CA LEU A 206 -12.85 23.34 1.61
C LEU A 206 -13.91 22.43 2.18
N THR A 207 -14.06 22.49 3.49
CA THR A 207 -14.82 21.52 4.24
C THR A 207 -16.27 21.37 3.80
N ALA A 208 -17.03 22.47 3.75
CA ALA A 208 -18.46 22.42 3.40
C ALA A 208 -18.67 21.84 2.01
N GLN A 209 -17.76 22.13 1.08
CA GLN A 209 -17.84 21.59 -0.29
C GLN A 209 -17.56 20.07 -0.31
N ILE A 210 -16.60 19.65 0.52
CA ILE A 210 -16.32 18.20 0.67
C ILE A 210 -17.58 17.45 1.10
N VAL A 211 -18.18 17.95 2.19
CA VAL A 211 -19.38 17.35 2.76
C VAL A 211 -20.53 17.39 1.72
N LYS A 212 -20.69 18.50 1.02
CA LYS A 212 -21.77 18.61 0.05
C LYS A 212 -21.62 17.60 -1.10
N ASP A 213 -20.39 17.45 -1.60
CA ASP A 213 -20.12 16.47 -2.66
C ASP A 213 -20.36 15.03 -2.26
N ILE A 214 -19.96 14.69 -1.03
CA ILE A 214 -20.10 13.31 -0.53
C ILE A 214 -21.59 13.06 -0.30
N GLN A 215 -22.25 14.01 0.35
CA GLN A 215 -23.69 13.86 0.59
C GLN A 215 -24.52 13.87 -0.68
N ALA A 216 -24.09 14.57 -1.74
CA ALA A 216 -24.96 14.63 -2.94
C ALA A 216 -24.94 13.29 -3.64
N ALA A 217 -23.87 12.54 -3.44
CA ALA A 217 -23.76 11.21 -4.05
C ALA A 217 -24.26 10.10 -3.13
N GLY A 218 -25.00 10.46 -2.08
CA GLY A 218 -25.63 9.48 -1.19
C GLY A 218 -24.86 9.21 0.10
N GLY A 219 -23.78 9.96 0.34
CA GLY A 219 -22.94 9.74 1.50
C GLY A 219 -23.49 10.24 2.81
N ILE A 220 -22.73 10.04 3.89
CA ILE A 220 -23.17 10.38 5.24
C ILE A 220 -22.04 11.04 6.06
N VAL A 221 -20.94 11.39 5.39
CA VAL A 221 -19.84 12.12 6.05
C VAL A 221 -20.34 13.52 6.37
N THR A 222 -20.05 13.99 7.59
CA THR A 222 -20.47 15.33 8.00
C THR A 222 -19.26 16.17 8.31
N ALA A 223 -19.49 17.47 8.51
CA ALA A 223 -18.45 18.42 8.87
C ALA A 223 -17.78 18.01 10.17
N GLU A 224 -18.58 17.57 11.14
CA GLU A 224 -18.07 17.03 12.40
C GLU A 224 -17.04 15.87 12.24
N ASP A 225 -17.31 14.92 11.35
CA ASP A 225 -16.36 13.84 10.99
C ASP A 225 -14.98 14.36 10.60
N LEU A 226 -14.97 15.35 9.70
CA LEU A 226 -13.76 15.98 9.23
C LEU A 226 -13.09 16.76 10.38
N ASN A 227 -13.85 17.59 11.10
CA ASN A 227 -13.27 18.38 12.20
C ASN A 227 -12.58 17.44 13.20
N ASN A 228 -13.15 16.26 13.43
CA ASN A 228 -12.64 15.38 14.45
C ASN A 228 -11.51 14.44 14.00
N TYR A 229 -11.24 14.32 12.71
CA TYR A 229 -10.28 13.33 12.24
C TYR A 229 -8.89 13.62 12.88
N ARG A 230 -8.17 12.59 13.34
CA ARG A 230 -6.80 12.80 13.81
C ARG A 230 -5.87 11.75 13.22
N ALA A 231 -4.76 12.17 12.62
CA ALA A 231 -3.64 11.27 12.35
C ALA A 231 -3.02 10.84 13.69
N GLU A 232 -2.51 9.60 13.76
CA GLU A 232 -1.95 9.07 14.98
C GLU A 232 -0.45 8.69 14.87
N LEU A 233 0.35 9.16 15.82
CA LEU A 233 1.75 8.77 15.97
C LEU A 233 1.83 7.47 16.75
N ILE A 234 2.52 6.49 16.21
CA ILE A 234 2.78 5.23 16.94
C ILE A 234 4.29 5.16 17.16
N GLU A 235 4.71 5.31 18.41
CA GLU A 235 6.12 5.36 18.78
C GLU A 235 6.80 3.99 18.76
N HIS A 236 6.04 2.90 18.95
CA HIS A 236 6.64 1.56 18.94
C HIS A 236 5.94 0.69 17.90
N PRO A 237 6.43 0.72 16.65
CA PRO A 237 5.90 -0.06 15.54
C PRO A 237 6.25 -1.51 15.77
N LEU A 238 5.57 -2.40 15.08
CA LEU A 238 5.96 -3.79 15.08
C LEU A 238 7.40 -3.88 14.62
N ASN A 239 8.19 -4.70 15.30
CA ASN A 239 9.42 -5.16 14.68
C ASN A 239 9.62 -6.69 14.75
N ILE A 240 10.40 -7.25 13.84
CA ILE A 240 10.95 -8.59 14.04
C ILE A 240 12.44 -8.56 13.76
N SER A 241 13.12 -9.50 14.39
CA SER A 241 14.53 -9.76 14.15
C SER A 241 14.68 -10.74 12.97
N LEU A 242 15.57 -10.41 12.05
CA LEU A 242 15.89 -11.28 10.94
C LEU A 242 17.43 -11.32 10.76
N GLY A 243 18.06 -12.40 11.25
CA GLY A 243 19.52 -12.44 11.27
C GLY A 243 20.04 -11.28 12.13
N ASP A 244 20.92 -10.46 11.60
CA ASP A 244 21.46 -9.33 12.32
C ASP A 244 20.71 -8.03 12.02
N ALA A 245 19.48 -8.14 11.54
CA ALA A 245 18.73 -6.94 11.16
C ALA A 245 17.45 -6.89 11.95
N VAL A 246 16.80 -5.73 11.99
CA VAL A 246 15.45 -5.66 12.50
C VAL A 246 14.58 -5.09 11.39
N LEU A 247 13.31 -5.54 11.36
CA LEU A 247 12.31 -5.05 10.40
C LEU A 247 11.22 -4.32 11.10
N TYR A 248 11.01 -3.06 10.73
CA TYR A 248 9.95 -2.23 11.27
C TYR A 248 8.85 -2.15 10.30
N MET A 249 7.64 -2.31 10.81
CA MET A 249 6.41 -2.27 10.00
C MET A 249 5.19 -2.00 10.91
N PRO A 250 4.06 -1.54 10.29
CA PRO A 250 2.85 -1.23 11.04
C PRO A 250 2.18 -2.47 11.54
N SER A 251 1.74 -2.43 12.78
CA SER A 251 0.82 -3.43 13.31
C SER A 251 -0.61 -3.24 12.81
N ALA A 252 -1.55 -4.01 13.37
CA ALA A 252 -3.00 -3.90 13.00
C ALA A 252 -3.44 -2.46 13.23
N PRO A 253 -4.29 -1.84 12.38
CA PRO A 253 -5.11 -2.50 11.36
C PRO A 253 -4.40 -2.83 10.06
N LEU A 254 -3.10 -2.59 9.98
CA LEU A 254 -2.35 -2.98 8.79
C LEU A 254 -1.78 -4.42 8.91
N SER A 255 -1.02 -4.86 7.91
CA SER A 255 -0.69 -6.27 7.79
C SER A 255 0.74 -6.63 8.15
N GLY A 256 1.46 -5.77 8.88
CA GLY A 256 2.74 -6.16 9.43
C GLY A 256 2.75 -7.48 10.19
N PRO A 257 1.69 -7.78 10.97
CA PRO A 257 1.72 -9.08 11.64
C PRO A 257 1.62 -10.30 10.69
N VAL A 258 0.97 -10.12 9.53
CA VAL A 258 0.93 -11.18 8.51
C VAL A 258 2.31 -11.31 7.87
N LEU A 259 2.89 -10.17 7.48
CA LEU A 259 4.23 -10.17 6.95
C LEU A 259 5.22 -10.85 7.96
N ALA A 260 5.11 -10.51 9.24
CA ALA A 260 6.02 -11.03 10.26
C ALA A 260 5.92 -12.54 10.35
N LEU A 261 4.69 -13.05 10.36
CA LEU A 261 4.42 -14.48 10.39
C LEU A 261 4.96 -15.23 9.16
N ILE A 262 4.64 -14.75 7.96
CA ILE A 262 5.26 -15.33 6.76
C ILE A 262 6.80 -15.41 6.90
N LEU A 263 7.45 -14.30 7.26
CA LEU A 263 8.93 -14.34 7.31
C LEU A 263 9.47 -15.22 8.45
N ASN A 264 8.81 -15.25 9.61
CA ASN A 264 9.26 -16.10 10.70
C ASN A 264 9.09 -17.59 10.45
N ILE A 265 7.98 -17.98 9.80
CA ILE A 265 7.88 -19.34 9.23
C ILE A 265 9.08 -19.65 8.34
N LEU A 266 9.33 -18.80 7.34
CA LEU A 266 10.32 -19.16 6.36
C LEU A 266 11.77 -19.11 6.84
N LYS A 267 12.06 -18.27 7.85
CA LYS A 267 13.45 -18.10 8.28
C LYS A 267 14.06 -19.41 8.81
N GLY A 268 13.23 -20.28 9.38
CA GLY A 268 13.74 -21.58 9.89
C GLY A 268 14.12 -22.57 8.79
N TYR A 269 13.84 -22.25 7.52
CA TYR A 269 14.33 -23.08 6.43
C TYR A 269 15.73 -22.66 5.97
N ASN A 270 16.23 -21.51 6.44
CA ASN A 270 17.59 -21.04 6.06
C ASN A 270 17.81 -20.92 4.55
N PHE A 271 16.91 -20.21 3.87
CA PHE A 271 17.01 -20.02 2.42
C PHE A 271 18.32 -19.31 2.11
N SER A 272 18.90 -19.63 0.96
CA SER A 272 20.09 -18.95 0.46
C SER A 272 20.02 -19.04 -1.07
N ARG A 273 21.11 -18.68 -1.75
CA ARG A 273 21.22 -18.82 -3.21
C ARG A 273 20.96 -20.24 -3.68
N GLU A 274 21.33 -21.21 -2.86
CA GLU A 274 21.23 -22.62 -3.23
C GLU A 274 19.78 -23.08 -3.29
N SER A 275 18.91 -22.41 -2.53
CA SER A 275 17.46 -22.70 -2.50
C SER A 275 16.79 -22.51 -3.86
N VAL A 276 17.45 -21.78 -4.77
CA VAL A 276 16.91 -21.54 -6.11
C VAL A 276 17.87 -21.92 -7.24
N GLU A 277 18.92 -22.67 -6.93
CA GLU A 277 20.00 -23.00 -7.88
C GLU A 277 19.63 -24.10 -8.89
N SER A 278 18.80 -25.06 -8.48
CA SER A 278 18.35 -26.14 -9.36
C SER A 278 16.83 -26.22 -9.33
N PRO A 279 16.21 -26.76 -10.39
CA PRO A 279 14.72 -26.88 -10.37
C PRO A 279 14.14 -27.68 -9.20
N GLU A 280 14.89 -28.66 -8.69
CA GLU A 280 14.44 -29.48 -7.57
C GLU A 280 14.37 -28.63 -6.30
N GLN A 281 15.45 -27.92 -5.95
CA GLN A 281 15.42 -26.99 -4.82
C GLN A 281 14.43 -25.84 -5.04
N LYS A 282 14.47 -25.22 -6.21
CA LYS A 282 13.62 -24.09 -6.56
C LYS A 282 12.15 -24.41 -6.33
N GLY A 283 11.69 -25.58 -6.79
CA GLY A 283 10.26 -25.95 -6.68
C GLY A 283 9.85 -26.22 -5.23
N LEU A 284 10.74 -26.85 -4.44
CA LEU A 284 10.44 -27.07 -3.03
C LEU A 284 10.40 -25.71 -2.28
N THR A 285 11.36 -24.84 -2.57
CA THR A 285 11.43 -23.51 -1.97
C THR A 285 10.12 -22.72 -2.23
N TYR A 286 9.64 -22.68 -3.47
CA TYR A 286 8.41 -21.96 -3.78
C TYR A 286 7.19 -22.65 -3.21
N HIS A 287 7.19 -23.97 -3.13
CA HIS A 287 6.14 -24.65 -2.42
C HIS A 287 6.11 -24.23 -0.94
N ARG A 288 7.26 -24.17 -0.29
CA ARG A 288 7.28 -23.71 1.11
C ARG A 288 6.78 -22.27 1.25
N ILE A 289 7.08 -21.44 0.29
CA ILE A 289 6.60 -20.03 0.33
C ILE A 289 5.07 -20.00 0.31
N VAL A 290 4.46 -20.74 -0.61
CA VAL A 290 3.00 -20.76 -0.72
C VAL A 290 2.31 -21.27 0.56
N GLU A 291 2.83 -22.36 1.14
CA GLU A 291 2.34 -22.90 2.40
C GLU A 291 2.42 -21.90 3.56
N ALA A 292 3.53 -21.15 3.68
CA ALA A 292 3.67 -20.12 4.72
C ALA A 292 2.68 -19.00 4.47
N PHE A 293 2.44 -18.64 3.19
CA PHE A 293 1.38 -17.66 2.88
C PHE A 293 0.06 -18.17 3.47
N ARG A 294 -0.24 -19.45 3.27
CA ARG A 294 -1.53 -19.99 3.64
C ARG A 294 -1.70 -20.09 5.16
N PHE A 295 -0.64 -20.50 5.87
CA PHE A 295 -0.68 -20.46 7.35
C PHE A 295 -0.82 -19.04 7.89
N ALA A 296 -0.14 -18.07 7.28
CA ALA A 296 -0.25 -16.71 7.75
C ALA A 296 -1.58 -16.05 7.43
N TYR A 297 -2.13 -16.32 6.24
CA TYR A 297 -3.48 -15.79 5.94
C TYR A 297 -4.58 -16.44 6.77
N ALA A 298 -4.35 -17.64 7.30
CA ALA A 298 -5.28 -18.27 8.23
C ALA A 298 -5.57 -17.43 9.48
N LYS A 299 -4.56 -16.72 9.97
CA LYS A 299 -4.68 -16.00 11.25
C LYS A 299 -5.13 -14.53 11.04
N ARG A 300 -4.99 -14.05 9.80
CA ARG A 300 -5.34 -12.71 9.40
C ARG A 300 -6.78 -12.30 9.74
N THR A 301 -7.73 -13.22 9.57
CA THR A 301 -9.15 -12.95 9.85
C THR A 301 -9.48 -12.61 11.30
N LEU A 302 -8.55 -12.80 12.23
CA LEU A 302 -8.78 -12.36 13.61
C LEU A 302 -8.39 -10.90 13.82
N LEU A 303 -7.72 -10.30 12.84
CA LEU A 303 -7.24 -8.94 12.98
C LEU A 303 -8.33 -7.87 12.68
N GLY A 304 -8.20 -6.72 13.34
CA GLY A 304 -9.01 -5.54 13.05
C GLY A 304 -8.39 -4.39 13.80
N ASP A 305 -9.09 -3.27 13.81
CA ASP A 305 -8.64 -2.06 14.43
C ASP A 305 -8.48 -2.30 15.95
N PRO A 306 -7.26 -2.16 16.49
CA PRO A 306 -6.98 -2.56 17.86
C PRO A 306 -7.65 -1.69 18.91
N LYS A 307 -8.13 -0.53 18.47
CA LYS A 307 -8.94 0.33 19.34
C LYS A 307 -10.37 -0.18 19.59
N PHE A 308 -10.82 -1.10 18.75
CA PHE A 308 -12.19 -1.64 18.82
C PHE A 308 -12.20 -3.15 19.07
N VAL A 309 -11.07 -3.81 18.88
CA VAL A 309 -10.99 -5.27 18.90
C VAL A 309 -9.72 -5.60 19.68
N ASP A 310 -9.79 -6.55 20.60
CA ASP A 310 -8.61 -6.92 21.37
C ASP A 310 -7.78 -7.85 20.50
N VAL A 311 -6.63 -7.35 20.03
CA VAL A 311 -5.79 -8.15 19.12
C VAL A 311 -4.42 -8.48 19.72
N THR A 312 -4.19 -8.17 21.00
CA THR A 312 -2.81 -8.18 21.50
C THR A 312 -2.23 -9.61 21.54
N GLU A 313 -3.07 -10.59 21.85
CA GLU A 313 -2.62 -12.00 21.91
C GLU A 313 -2.49 -12.62 20.51
N VAL A 314 -3.42 -12.27 19.62
CA VAL A 314 -3.30 -12.67 18.22
C VAL A 314 -1.95 -12.20 17.64
N VAL A 315 -1.64 -10.93 17.87
CA VAL A 315 -0.46 -10.30 17.33
C VAL A 315 0.81 -10.87 17.98
N ARG A 316 0.79 -11.07 19.30
CA ARG A 316 1.92 -11.71 19.99
C ARG A 316 2.19 -13.09 19.39
N ASN A 317 1.17 -13.87 19.08
CA ASN A 317 1.41 -15.12 18.36
C ASN A 317 2.03 -14.95 16.98
N MET A 318 1.51 -14.02 16.19
CA MET A 318 1.92 -13.86 14.81
C MET A 318 3.35 -13.35 14.67
N THR A 319 3.86 -12.67 15.69
CA THR A 319 5.28 -12.23 15.70
C THR A 319 6.17 -13.13 16.59
N SER A 320 5.63 -14.22 17.12
CA SER A 320 6.44 -15.17 17.89
C SER A 320 7.15 -16.16 16.99
N GLU A 321 8.46 -16.29 17.20
CA GLU A 321 9.26 -17.27 16.46
C GLU A 321 8.92 -18.71 16.76
N PHE A 322 8.60 -18.96 18.03
CA PHE A 322 8.21 -20.30 18.46
C PHE A 322 6.87 -20.71 17.82
N PHE A 323 5.91 -19.82 17.84
CA PHE A 323 4.64 -20.04 17.17
C PHE A 323 4.91 -20.33 15.68
N ALA A 324 5.82 -19.58 15.07
CA ALA A 324 6.11 -19.79 13.66
C ALA A 324 6.72 -21.16 13.42
N ALA A 325 7.64 -21.60 14.28
CA ALA A 325 8.21 -22.96 14.19
C ALA A 325 7.15 -24.08 14.32
N GLN A 326 6.12 -23.84 15.11
CA GLN A 326 4.96 -24.73 15.17
C GLN A 326 4.22 -24.90 13.85
N LEU A 327 4.03 -23.80 13.12
CA LEU A 327 3.37 -23.81 11.83
C LEU A 327 4.31 -24.37 10.79
N ARG A 328 5.59 -23.98 10.85
CA ARG A 328 6.56 -24.60 9.97
C ARG A 328 6.60 -26.12 10.04
N ALA A 329 6.45 -26.70 11.25
CA ALA A 329 6.57 -28.15 11.36
C ALA A 329 5.33 -28.83 10.73
N GLN A 330 4.29 -28.05 10.43
CA GLN A 330 3.12 -28.63 9.79
C GLN A 330 3.12 -28.41 8.28
N ILE A 331 4.20 -27.83 7.74
CA ILE A 331 4.32 -27.74 6.26
C ILE A 331 4.89 -29.05 5.71
N SER A 332 4.10 -29.77 4.92
CA SER A 332 4.56 -30.96 4.22
C SER A 332 5.27 -30.56 2.95
N ASP A 333 6.44 -31.13 2.73
CA ASP A 333 7.21 -30.87 1.53
C ASP A 333 6.61 -31.42 0.21
N ASP A 334 5.79 -32.46 0.31
CA ASP A 334 5.30 -33.16 -0.86
C ASP A 334 3.86 -32.80 -1.25
N THR A 335 3.15 -32.07 -0.39
CA THR A 335 1.74 -31.73 -0.70
C THR A 335 1.22 -30.46 0.01
N THR A 336 0.31 -29.76 -0.65
CA THR A 336 -0.49 -28.73 -0.03
C THR A 336 -1.72 -29.40 0.59
N HIS A 337 -2.53 -28.63 1.33
CA HIS A 337 -3.62 -29.20 2.10
C HIS A 337 -4.90 -28.42 1.88
N PRO A 338 -6.04 -29.01 2.29
CA PRO A 338 -7.29 -28.24 2.29
C PRO A 338 -7.33 -27.07 3.32
N ILE A 339 -8.21 -26.11 3.08
CA ILE A 339 -8.29 -24.89 3.87
C ILE A 339 -8.31 -25.16 5.39
N SER A 340 -9.12 -26.13 5.85
CA SER A 340 -9.27 -26.38 7.29
C SER A 340 -7.99 -26.77 7.95
N TYR A 341 -7.04 -27.28 7.16
CA TYR A 341 -5.77 -27.74 7.72
C TYR A 341 -4.99 -26.59 8.41
N TYR A 342 -5.12 -25.38 7.85
CA TYR A 342 -4.39 -24.19 8.35
C TYR A 342 -5.07 -23.52 9.55
N LYS A 343 -6.28 -24.00 9.87
CA LYS A 343 -7.11 -23.51 10.99
C LYS A 343 -7.40 -22.02 10.88
N PRO A 344 -8.01 -21.61 9.77
CA PRO A 344 -8.51 -20.22 9.75
C PRO A 344 -9.49 -20.00 10.92
N GLU A 345 -9.39 -18.85 11.59
CA GLU A 345 -10.23 -18.52 12.74
C GLU A 345 -10.94 -17.19 12.53
N PHE A 346 -12.24 -17.17 12.86
CA PHE A 346 -13.05 -15.94 12.85
C PHE A 346 -13.40 -15.39 14.26
N TYR A 347 -13.09 -16.16 15.32
CA TYR A 347 -13.30 -15.75 16.71
C TYR A 347 -12.17 -16.28 17.57
N THR A 348 -11.83 -15.54 18.62
CA THR A 348 -10.82 -15.97 19.61
C THR A 348 -11.33 -17.23 20.39
N PRO A 349 -10.42 -18.09 20.82
CA PRO A 349 -10.81 -19.33 21.50
C PRO A 349 -11.76 -19.03 22.65
N THR B 1 -4.00 1.61 -4.45
CA THR B 1 -2.80 1.80 -3.56
C THR B 1 -1.61 2.31 -4.35
N ALA B 2 -0.76 3.11 -3.71
CA ALA B 2 0.55 3.40 -4.31
C ALA B 2 1.61 3.31 -3.21
N HIS B 3 2.82 2.87 -3.56
CA HIS B 3 3.84 2.78 -2.52
C HIS B 3 5.01 3.59 -2.94
N LEU B 4 5.62 4.31 -2.00
CA LEU B 4 6.94 4.84 -2.29
C LEU B 4 7.95 4.78 -1.17
N SER B 5 9.20 4.66 -1.57
CA SER B 5 10.35 4.50 -0.65
C SER B 5 11.35 5.61 -0.82
N VAL B 6 11.81 6.17 0.30
CA VAL B 6 12.77 7.27 0.29
C VAL B 6 13.93 7.04 1.28
N VAL B 7 15.16 7.33 0.83
CA VAL B 7 16.33 7.40 1.72
C VAL B 7 17.03 8.73 1.50
N ALA B 8 17.25 9.44 2.58
CA ALA B 8 17.91 10.76 2.50
C ALA B 8 19.40 10.66 2.82
N GLU B 9 20.12 11.73 2.53
CA GLU B 9 21.59 11.74 2.65
C GLU B 9 22.05 11.37 4.07
N ASP B 10 21.39 11.86 5.11
CA ASP B 10 21.78 11.47 6.47
C ASP B 10 21.49 10.00 6.86
N GLY B 11 20.96 9.19 5.93
CA GLY B 11 20.65 7.82 6.24
C GLY B 11 19.24 7.57 6.80
N SER B 12 18.49 8.64 7.05
CA SER B 12 17.08 8.50 7.45
C SER B 12 16.19 8.02 6.29
N ALA B 13 15.01 7.47 6.61
CA ALA B 13 14.23 6.80 5.58
C ALA B 13 12.73 6.86 5.85
N VAL B 14 11.96 6.82 4.77
CA VAL B 14 10.51 6.79 4.84
C VAL B 14 9.96 5.72 3.88
N SER B 15 9.00 4.94 4.36
CA SER B 15 8.31 3.97 3.54
C SER B 15 6.85 4.35 3.70
N ALA B 16 6.24 4.79 2.60
CA ALA B 16 4.90 5.42 2.64
C ALA B 16 3.99 4.69 1.69
N THR B 17 2.88 4.15 2.19
CA THR B 17 1.86 3.51 1.34
C THR B 17 0.54 4.27 1.55
N SER B 18 -0.11 4.60 0.44
CA SER B 18 -1.30 5.43 0.39
C SER B 18 -2.36 4.85 -0.56
N THR B 19 -3.65 5.07 -0.28
CA THR B 19 -4.72 4.38 -1.02
C THR B 19 -6.09 5.06 -1.02
N ILE B 20 -6.80 4.96 -2.15
CA ILE B 20 -8.24 5.30 -2.23
C ILE B 20 -9.06 4.05 -2.46
N ASN B 21 -8.41 2.92 -2.24
CA ASN B 21 -8.95 1.60 -2.40
C ASN B 21 -9.08 1.15 -3.89
N LEU B 22 -10.29 1.01 -4.45
CA LEU B 22 -10.38 0.47 -5.82
C LEU B 22 -9.89 1.51 -6.82
N TYR B 23 -9.84 1.16 -8.10
CA TYR B 23 -9.41 2.13 -9.12
C TYR B 23 -10.41 3.26 -9.12
N PHE B 24 -9.91 4.47 -8.91
CA PHE B 24 -10.75 5.69 -8.84
C PHE B 24 -11.67 5.73 -7.65
N GLY B 25 -11.37 4.92 -6.63
CA GLY B 25 -12.12 5.02 -5.36
C GLY B 25 -13.59 4.74 -5.55
N SER B 26 -14.39 5.59 -4.91
CA SER B 26 -15.83 5.53 -4.97
C SER B 26 -16.44 5.93 -6.31
N LYS B 27 -15.59 6.39 -7.25
CA LYS B 27 -16.05 7.04 -8.52
C LYS B 27 -16.74 8.38 -8.28
N VAL B 28 -16.65 8.91 -7.06
CA VAL B 28 -17.21 10.23 -6.78
C VAL B 28 -16.09 11.23 -6.82
N ARG B 29 -16.13 12.07 -7.86
CA ARG B 29 -15.23 13.21 -7.99
C ARG B 29 -16.01 14.50 -7.74
N SER B 30 -15.41 15.43 -7.00
CA SER B 30 -15.99 16.76 -6.86
C SER B 30 -15.83 17.60 -8.14
N PRO B 31 -16.95 18.14 -8.67
CA PRO B 31 -16.85 19.06 -9.82
C PRO B 31 -16.18 20.38 -9.43
N VAL B 32 -16.20 20.72 -8.14
CA VAL B 32 -15.59 21.96 -7.62
C VAL B 32 -14.11 21.81 -7.21
N SER B 33 -13.78 20.82 -6.38
CA SER B 33 -12.43 20.76 -5.84
C SER B 33 -11.59 19.82 -6.62
N GLY B 34 -12.25 18.92 -7.34
CA GLY B 34 -11.53 17.89 -8.10
C GLY B 34 -11.08 16.69 -7.27
N ILE B 35 -11.41 16.65 -5.98
CA ILE B 35 -11.01 15.53 -5.14
C ILE B 35 -11.74 14.24 -5.53
N LEU B 36 -10.98 13.17 -5.64
CA LEU B 36 -11.57 11.90 -5.97
C LEU B 36 -11.65 11.10 -4.65
N PHE B 37 -12.87 10.76 -4.23
CA PHE B 37 -13.07 10.15 -2.93
C PHE B 37 -12.85 8.63 -2.84
N ASN B 38 -12.24 8.21 -1.74
CA ASN B 38 -11.97 6.80 -1.53
C ASN B 38 -13.28 5.99 -1.43
N ASN B 39 -13.24 4.69 -1.69
CA ASN B 39 -14.28 3.79 -1.22
C ASN B 39 -13.69 2.76 -0.23
N GLU B 40 -12.97 3.26 0.76
CA GLU B 40 -12.36 2.41 1.78
C GLU B 40 -13.39 1.73 2.67
N MET B 41 -14.63 2.23 2.71
CA MET B 41 -15.73 1.48 3.41
C MET B 41 -15.85 0.01 2.96
N ASP B 42 -15.50 -0.26 1.70
CA ASP B 42 -15.52 -1.60 1.18
C ASP B 42 -14.42 -2.52 1.76
N ASP B 43 -13.46 -1.98 2.53
CA ASP B 43 -12.44 -2.83 3.14
C ASP B 43 -12.99 -3.46 4.41
N PHE B 44 -14.10 -2.94 4.89
CA PHE B 44 -14.75 -3.55 6.06
C PHE B 44 -15.44 -4.87 5.60
N SER B 45 -15.58 -5.80 6.53
CA SER B 45 -16.39 -6.98 6.38
C SER B 45 -17.85 -6.61 6.69
N SER B 46 -18.81 -7.19 5.97
CA SER B 46 -20.24 -6.99 6.26
C SER B 46 -20.92 -8.32 6.60
N PRO B 47 -21.80 -8.35 7.62
CA PRO B 47 -22.59 -9.57 7.89
C PRO B 47 -23.49 -9.98 6.74
N SER B 48 -23.88 -9.02 5.89
CA SER B 48 -24.81 -9.26 4.80
C SER B 48 -24.13 -9.81 3.52
N ILE B 49 -23.42 -8.93 2.80
CA ILE B 49 -22.73 -9.24 1.53
C ILE B 49 -22.10 -10.65 1.45
N THR B 50 -22.32 -11.34 0.32
CA THR B 50 -21.58 -12.57 -0.04
C THR B 50 -20.16 -12.18 -0.49
N ASN B 51 -19.17 -12.48 0.35
CA ASN B 51 -17.78 -12.08 0.09
C ASN B 51 -17.20 -12.68 -1.19
N GLU B 52 -16.98 -13.98 -1.17
CA GLU B 52 -16.75 -14.80 -2.36
C GLU B 52 -17.63 -16.04 -2.18
N PHE B 53 -17.35 -17.07 -2.98
CA PHE B 53 -17.96 -18.36 -2.76
C PHE B 53 -17.34 -18.98 -1.50
N GLY B 54 -18.15 -19.13 -0.46
CA GLY B 54 -17.74 -19.76 0.79
C GLY B 54 -16.71 -19.05 1.65
N VAL B 55 -16.45 -17.77 1.36
CA VAL B 55 -15.68 -16.90 2.28
C VAL B 55 -16.69 -16.18 3.18
N PRO B 56 -16.63 -16.44 4.51
CA PRO B 56 -17.55 -15.79 5.43
C PRO B 56 -17.06 -14.39 5.85
N PRO B 57 -17.93 -13.59 6.49
CA PRO B 57 -17.54 -12.33 7.11
C PRO B 57 -16.65 -12.51 8.34
N SER B 58 -15.72 -11.57 8.51
CA SER B 58 -14.85 -11.50 9.68
C SER B 58 -15.36 -10.49 10.71
N PRO B 59 -15.91 -10.99 11.84
CA PRO B 59 -16.42 -10.07 12.89
C PRO B 59 -15.40 -9.09 13.48
N ALA B 60 -14.10 -9.43 13.50
CA ALA B 60 -13.15 -8.43 13.96
C ALA B 60 -13.15 -7.18 13.04
N ASN B 61 -13.56 -7.33 11.77
CA ASN B 61 -13.48 -6.28 10.75
C ASN B 61 -14.83 -5.69 10.30
N PHE B 62 -15.85 -5.76 11.17
CA PHE B 62 -17.16 -5.14 10.91
C PHE B 62 -17.11 -3.64 11.14
N ILE B 63 -18.02 -2.92 10.48
CA ILE B 63 -18.12 -1.47 10.55
C ILE B 63 -18.60 -1.02 11.91
N GLN B 64 -17.85 -0.11 12.53
N GLN B 64 -17.85 -0.13 12.56
CA GLN B 64 -18.26 0.61 13.73
CA GLN B 64 -18.36 0.64 13.69
C GLN B 64 -17.90 2.09 13.49
C GLN B 64 -17.96 2.09 13.43
N PRO B 65 -18.76 3.05 13.93
CA PRO B 65 -18.40 4.48 13.75
C PRO B 65 -17.04 4.77 14.36
N GLY B 66 -16.16 5.43 13.58
CA GLY B 66 -14.83 5.81 14.03
C GLY B 66 -13.76 4.71 13.94
N LYS B 67 -14.15 3.51 13.48
CA LYS B 67 -13.23 2.39 13.30
C LYS B 67 -12.52 2.48 11.95
N GLN B 68 -11.27 1.98 11.91
CA GLN B 68 -10.50 1.82 10.66
C GLN B 68 -10.60 0.38 10.16
N PRO B 69 -10.76 0.22 8.84
CA PRO B 69 -10.87 -1.13 8.27
C PRO B 69 -9.49 -1.79 8.15
N LEU B 70 -9.46 -3.11 8.28
CA LEU B 70 -8.26 -3.90 8.05
C LEU B 70 -7.66 -3.61 6.64
N SER B 71 -6.34 -3.56 6.57
CA SER B 71 -5.65 -3.30 5.31
C SER B 71 -4.54 -4.32 5.06
N SER B 72 -4.26 -4.57 3.78
CA SER B 72 -3.13 -5.39 3.35
C SER B 72 -1.79 -4.65 3.31
N MET B 73 -1.83 -3.32 3.39
CA MET B 73 -0.66 -2.47 3.24
C MET B 73 0.40 -2.81 4.27
N CYS B 74 1.67 -2.69 3.91
N CYS B 74 1.67 -2.67 3.88
CA CYS B 74 2.75 -2.88 4.91
CA CYS B 74 2.80 -2.96 4.76
C CYS B 74 4.07 -2.23 4.50
C CYS B 74 4.11 -2.23 4.40
N PRO B 75 4.15 -0.90 4.58
CA PRO B 75 5.42 -0.20 4.36
C PRO B 75 6.44 -0.55 5.44
N THR B 76 7.61 -1.01 5.00
CA THR B 76 8.58 -1.62 5.86
C THR B 76 9.95 -0.96 5.72
N ILE B 77 10.68 -0.91 6.83
CA ILE B 77 12.07 -0.51 6.82
C ILE B 77 12.91 -1.55 7.56
N MET B 78 13.99 -1.97 6.92
CA MET B 78 14.87 -2.93 7.52
C MET B 78 16.17 -2.20 7.85
N VAL B 79 16.63 -2.36 9.09
CA VAL B 79 17.79 -1.66 9.61
C VAL B 79 18.80 -2.70 10.13
N GLY B 80 20.09 -2.51 9.84
CA GLY B 80 21.11 -3.47 10.25
C GLY B 80 21.52 -3.18 11.69
N GLN B 81 22.19 -4.16 12.30
CA GLN B 81 22.57 -4.08 13.71
C GLN B 81 23.38 -2.80 14.06
N ASP B 82 24.13 -2.27 13.10
CA ASP B 82 24.88 -1.03 13.26
C ASP B 82 24.03 0.24 13.12
N GLY B 83 22.72 0.09 12.90
CA GLY B 83 21.86 1.26 12.86
C GLY B 83 21.69 1.91 11.50
N GLN B 84 22.28 1.32 10.47
CA GLN B 84 22.12 1.85 9.11
C GLN B 84 20.99 1.11 8.35
N VAL B 85 20.13 1.85 7.65
CA VAL B 85 19.07 1.27 6.83
C VAL B 85 19.63 0.26 5.88
N ARG B 86 19.02 -0.92 5.81
CA ARG B 86 19.40 -1.91 4.80
C ARG B 86 18.41 -1.96 3.62
N MET B 87 17.12 -1.77 3.88
CA MET B 87 16.12 -1.93 2.83
C MET B 87 14.91 -1.09 3.15
N VAL B 88 14.34 -0.43 2.15
CA VAL B 88 13.08 0.31 2.30
C VAL B 88 12.15 -0.24 1.21
N VAL B 89 11.00 -0.77 1.59
CA VAL B 89 10.19 -1.55 0.64
C VAL B 89 8.71 -1.60 1.05
N GLY B 90 7.87 -1.75 0.05
CA GLY B 90 6.43 -1.89 0.24
C GLY B 90 5.83 -2.14 -1.12
N ALA B 91 4.50 -2.35 -1.17
CA ALA B 91 3.84 -2.71 -2.41
C ALA B 91 2.43 -2.09 -2.50
N ALA B 92 1.90 -2.12 -3.71
CA ALA B 92 0.54 -1.71 -4.03
C ALA B 92 -0.14 -2.90 -4.68
N GLY B 93 -1.49 -2.92 -4.76
CA GLY B 93 -2.20 -3.97 -5.51
C GLY B 93 -3.18 -4.81 -4.70
N GLY B 94 -3.86 -4.18 -3.76
N GLY B 94 -3.86 -4.18 -3.76
CA GLY B 94 -4.91 -4.85 -2.99
CA GLY B 94 -4.91 -4.85 -2.99
C GLY B 94 -4.38 -5.95 -2.09
C GLY B 94 -4.38 -5.94 -2.08
N THR B 95 -4.95 -7.14 -2.23
CA THR B 95 -4.66 -8.22 -1.29
C THR B 95 -3.32 -8.95 -1.54
N GLN B 96 -2.70 -8.66 -2.69
CA GLN B 96 -1.38 -9.18 -3.00
C GLN B 96 -0.24 -8.36 -2.42
N ILE B 97 -0.57 -7.29 -1.73
CA ILE B 97 0.51 -6.44 -1.19
C ILE B 97 1.44 -7.17 -0.22
N THR B 98 0.89 -7.95 0.72
CA THR B 98 1.70 -8.50 1.82
C THR B 98 2.59 -9.61 1.29
N THR B 99 2.01 -10.44 0.41
CA THR B 99 2.77 -11.48 -0.22
C THR B 99 3.87 -10.95 -1.13
N ALA B 100 3.59 -9.91 -1.91
CA ALA B 100 4.60 -9.34 -2.79
C ALA B 100 5.71 -8.65 -1.98
N THR B 101 5.33 -8.00 -0.86
CA THR B 101 6.35 -7.36 0.01
C THR B 101 7.28 -8.48 0.58
N ALA B 102 6.67 -9.60 0.97
CA ALA B 102 7.44 -10.73 1.50
C ALA B 102 8.36 -11.23 0.41
N LEU B 103 7.83 -11.46 -0.78
CA LEU B 103 8.70 -11.95 -1.86
C LEU B 103 9.90 -11.03 -2.18
N ALA B 104 9.69 -9.73 -2.28
CA ALA B 104 10.79 -8.82 -2.54
C ALA B 104 11.89 -8.92 -1.48
N ILE B 105 11.49 -9.09 -0.23
CA ILE B 105 12.41 -9.28 0.90
C ILE B 105 13.13 -10.61 0.77
N ILE B 106 12.38 -11.69 0.59
CA ILE B 106 12.98 -13.02 0.37
C ILE B 106 13.98 -13.02 -0.77
N TYR B 107 13.60 -12.39 -1.90
CA TYR B 107 14.40 -12.39 -3.12
C TYR B 107 15.72 -11.66 -2.89
N ASN B 108 15.67 -10.52 -2.23
CA ASN B 108 16.89 -9.78 -2.00
C ASN B 108 17.72 -10.34 -0.83
N LEU B 109 17.11 -10.49 0.34
CA LEU B 109 17.82 -10.90 1.54
C LEU B 109 18.37 -12.34 1.49
N TRP B 110 17.56 -13.30 1.04
CA TRP B 110 17.95 -14.71 1.05
C TRP B 110 18.42 -15.27 -0.31
N PHE B 111 17.77 -14.90 -1.41
CA PHE B 111 18.18 -15.45 -2.69
C PHE B 111 19.38 -14.68 -3.25
N GLY B 112 19.68 -13.53 -2.66
CA GLY B 112 20.77 -12.67 -3.09
C GLY B 112 20.52 -11.95 -4.41
N TYR B 113 19.26 -11.79 -4.84
CA TYR B 113 18.96 -10.98 -6.03
C TYR B 113 19.17 -9.47 -5.78
N ASP B 114 19.83 -8.75 -6.68
CA ASP B 114 19.89 -7.30 -6.57
C ASP B 114 18.50 -6.67 -6.64
N VAL B 115 18.41 -5.41 -6.24
CA VAL B 115 17.11 -4.83 -6.01
C VAL B 115 16.24 -4.77 -7.26
N LYS B 116 16.82 -4.45 -8.42
CA LYS B 116 16.02 -4.40 -9.63
C LYS B 116 15.49 -5.79 -9.95
N ARG B 117 16.36 -6.81 -9.83
CA ARG B 117 15.91 -8.16 -10.09
C ARG B 117 14.79 -8.60 -9.12
N ALA B 118 14.91 -8.23 -7.85
CA ALA B 118 13.98 -8.63 -6.83
C ALA B 118 12.61 -7.99 -7.05
N VAL B 119 12.60 -6.80 -7.64
CA VAL B 119 11.37 -6.10 -7.99
C VAL B 119 10.78 -6.70 -9.26
N GLU B 120 11.64 -7.03 -10.23
CA GLU B 120 11.14 -7.45 -11.55
C GLU B 120 10.78 -8.92 -11.59
N GLU B 121 11.36 -9.71 -10.67
CA GLU B 121 11.17 -11.14 -10.60
C GLU B 121 9.68 -11.54 -10.54
N PRO B 122 9.27 -12.54 -11.34
CA PRO B 122 7.87 -13.00 -11.32
C PRO B 122 7.38 -13.42 -9.91
N ARG B 123 6.12 -13.18 -9.61
CA ARG B 123 5.60 -13.41 -8.29
C ARG B 123 4.45 -14.39 -8.35
N LEU B 124 4.00 -14.83 -7.19
CA LEU B 124 2.85 -15.70 -7.10
C LEU B 124 2.15 -15.35 -5.82
N HIS B 125 0.91 -15.80 -5.69
CA HIS B 125 0.09 -15.36 -4.58
C HIS B 125 -0.88 -16.46 -4.21
N ASN B 126 -1.05 -16.65 -2.91
CA ASN B 126 -2.09 -17.48 -2.38
C ASN B 126 -2.51 -16.87 -1.04
N GLN B 127 -3.82 -16.68 -0.83
CA GLN B 127 -4.31 -16.04 0.39
C GLN B 127 -5.29 -16.95 1.14
N LEU B 128 -5.27 -18.23 0.77
CA LEU B 128 -5.99 -19.28 1.49
C LEU B 128 -7.44 -19.28 1.04
N LEU B 129 -8.10 -18.14 1.14
CA LEU B 129 -9.48 -17.99 0.66
C LEU B 129 -9.52 -16.80 -0.27
N PRO B 130 -9.72 -16.95 -1.59
CA PRO B 130 -9.96 -18.22 -2.26
C PRO B 130 -8.76 -19.12 -2.30
N ASN B 131 -9.01 -20.38 -2.64
CA ASN B 131 -8.09 -21.49 -2.55
C ASN B 131 -7.41 -21.76 -3.86
N VAL B 132 -6.57 -20.85 -4.30
CA VAL B 132 -5.94 -20.97 -5.60
C VAL B 132 -4.62 -20.22 -5.53
N THR B 133 -3.62 -20.76 -6.20
CA THR B 133 -2.32 -20.09 -6.35
C THR B 133 -2.27 -19.37 -7.70
N THR B 134 -2.20 -18.04 -7.64
CA THR B 134 -2.08 -17.27 -8.83
C THR B 134 -0.60 -17.09 -9.09
N VAL B 135 -0.18 -17.33 -10.34
CA VAL B 135 1.19 -17.09 -10.71
C VAL B 135 1.21 -16.08 -11.85
N GLU B 136 2.29 -15.29 -11.92
CA GLU B 136 2.48 -14.35 -13.05
C GLU B 136 2.84 -15.07 -14.34
N ARG B 137 2.51 -14.42 -15.45
CA ARG B 137 2.63 -14.94 -16.82
C ARG B 137 4.00 -15.49 -17.22
N ASN B 138 5.06 -14.87 -16.72
CA ASN B 138 6.41 -15.30 -17.05
C ASN B 138 7.15 -16.03 -15.91
N ILE B 139 6.41 -16.56 -14.96
CA ILE B 139 7.05 -17.38 -13.93
C ILE B 139 7.78 -18.56 -14.58
N ASP B 140 8.91 -18.95 -13.97
CA ASP B 140 9.60 -20.19 -14.32
C ASP B 140 8.62 -21.38 -14.32
N GLN B 141 8.44 -22.00 -15.47
CA GLN B 141 7.41 -23.04 -15.56
C GLN B 141 7.78 -24.33 -14.89
N ALA B 142 9.04 -24.48 -14.50
CA ALA B 142 9.42 -25.56 -13.56
C ALA B 142 8.78 -25.35 -12.18
N VAL B 143 8.62 -24.08 -11.79
CA VAL B 143 7.94 -23.75 -10.54
C VAL B 143 6.44 -24.10 -10.62
N THR B 144 5.81 -23.77 -11.73
CA THR B 144 4.42 -24.19 -11.96
C THR B 144 4.29 -25.71 -11.90
N ALA B 145 5.21 -26.42 -12.52
CA ALA B 145 5.22 -27.89 -12.42
C ALA B 145 5.38 -28.42 -10.96
N ALA B 146 6.34 -27.87 -10.22
CA ALA B 146 6.58 -28.22 -8.81
C ALA B 146 5.36 -27.98 -7.91
N LEU B 147 4.60 -26.93 -8.20
CA LEU B 147 3.38 -26.64 -7.48
C LEU B 147 2.26 -27.59 -7.89
N GLU B 148 2.04 -27.77 -9.19
CA GLU B 148 0.97 -28.69 -9.65
C GLU B 148 1.15 -30.12 -9.17
N THR B 149 2.38 -30.63 -9.18
CA THR B 149 2.63 -32.01 -8.71
C THR B 149 2.52 -32.12 -7.19
N ARG B 150 2.53 -30.99 -6.48
CA ARG B 150 2.27 -31.02 -5.05
C ARG B 150 0.81 -30.66 -4.77
N HIS B 151 -0.03 -30.79 -5.81
CA HIS B 151 -1.48 -30.62 -5.75
C HIS B 151 -1.96 -29.19 -5.61
N HIS B 152 -1.13 -28.18 -5.85
CA HIS B 152 -1.69 -26.80 -5.93
C HIS B 152 -2.45 -26.69 -7.24
N HIS B 153 -3.63 -26.10 -7.23
CA HIS B 153 -4.24 -25.68 -8.50
C HIS B 153 -3.75 -24.28 -8.80
N THR B 154 -3.05 -24.08 -9.90
CA THR B 154 -2.61 -22.74 -10.21
C THR B 154 -3.44 -22.10 -11.33
N GLN B 155 -3.42 -20.78 -11.38
CA GLN B 155 -3.90 -20.07 -12.53
C GLN B 155 -3.04 -18.84 -12.74
N ILE B 156 -2.98 -18.40 -13.99
CA ILE B 156 -2.15 -17.32 -14.43
C ILE B 156 -2.93 -16.02 -14.31
N ALA B 157 -2.27 -14.97 -13.78
CA ALA B 157 -2.90 -13.68 -13.56
C ALA B 157 -3.02 -13.01 -14.93
N SER B 158 -4.18 -12.47 -15.26
CA SER B 158 -4.37 -11.82 -16.59
C SER B 158 -3.43 -10.64 -16.79
N THR B 159 -3.23 -9.86 -15.72
CA THR B 159 -2.31 -8.72 -15.79
C THR B 159 -0.99 -9.03 -15.10
N PHE B 160 -0.91 -8.75 -13.80
CA PHE B 160 0.32 -8.87 -13.04
C PHE B 160 -0.05 -8.92 -11.57
N ILE B 161 0.90 -9.26 -10.72
CA ILE B 161 0.68 -9.39 -9.30
C ILE B 161 1.46 -8.30 -8.57
N ALA B 162 0.72 -7.31 -8.05
CA ALA B 162 1.25 -6.17 -7.25
C ALA B 162 2.23 -5.20 -7.95
N VAL B 163 2.61 -4.16 -7.23
CA VAL B 163 3.63 -3.25 -7.70
C VAL B 163 4.59 -2.98 -6.54
N VAL B 164 5.90 -3.12 -6.77
CA VAL B 164 6.87 -2.93 -5.67
C VAL B 164 7.86 -1.83 -5.98
N GLN B 165 8.05 -0.92 -5.01
CA GLN B 165 9.13 0.08 -5.06
C GLN B 165 10.09 -0.23 -3.90
N ALA B 166 11.40 -0.22 -4.16
CA ALA B 166 12.35 -0.66 -3.16
C ALA B 166 13.66 0.10 -3.27
N ILE B 167 14.27 0.31 -2.12
CA ILE B 167 15.64 0.81 -2.06
C ILE B 167 16.46 -0.11 -1.13
N VAL B 168 17.68 -0.45 -1.56
CA VAL B 168 18.55 -1.36 -0.80
C VAL B 168 19.96 -0.74 -0.68
N ARG B 169 20.56 -0.80 0.51
N ARG B 169 20.56 -0.83 0.52
CA ARG B 169 21.94 -0.34 0.66
CA ARG B 169 21.94 -0.40 0.74
C ARG B 169 22.87 -1.36 0.03
C ARG B 169 22.91 -1.37 0.06
N THR B 170 23.82 -0.84 -0.75
CA THR B 170 24.88 -1.65 -1.36
C THR B 170 26.22 -0.99 -1.03
N ALA B 171 27.32 -1.67 -1.31
CA ALA B 171 28.64 -1.07 -1.09
C ALA B 171 28.78 0.17 -1.99
N GLY B 172 28.22 0.10 -3.20
CA GLY B 172 28.17 1.25 -4.12
C GLY B 172 27.22 2.41 -3.78
N GLY B 173 26.41 2.27 -2.72
CA GLY B 173 25.45 3.32 -2.35
C GLY B 173 24.03 2.82 -2.14
N TRP B 174 23.06 3.58 -2.62
CA TRP B 174 21.65 3.23 -2.44
C TRP B 174 21.10 2.85 -3.79
N ALA B 175 20.82 1.57 -3.94
CA ALA B 175 20.29 1.03 -5.17
C ALA B 175 18.77 1.08 -5.10
N ALA B 176 18.13 1.64 -6.12
CA ALA B 176 16.70 1.87 -6.11
C ALA B 176 16.04 1.18 -7.29
N ALA B 177 14.78 0.81 -7.13
CA ALA B 177 14.01 0.26 -8.24
C ALA B 177 12.53 0.50 -8.11
N SER B 178 11.91 0.81 -9.24
CA SER B 178 10.49 0.92 -9.38
C SER B 178 10.03 -0.17 -10.33
N ASP B 179 8.78 -0.58 -10.18
CA ASP B 179 8.29 -1.77 -10.81
C ASP B 179 7.83 -1.43 -12.22
N SER B 180 8.41 -2.10 -13.21
CA SER B 180 8.06 -1.84 -14.61
C SER B 180 6.59 -2.27 -14.89
N ARG B 181 6.00 -3.01 -13.97
CA ARG B 181 4.62 -3.41 -14.19
C ARG B 181 3.70 -2.18 -14.20
N LYS B 182 4.11 -1.11 -13.52
CA LYS B 182 3.37 0.16 -13.48
C LYS B 182 4.03 1.30 -14.30
N GLY B 183 5.34 1.23 -14.52
CA GLY B 183 6.02 2.17 -15.40
C GLY B 183 6.83 3.18 -14.62
N GLY B 184 6.96 2.97 -13.32
CA GLY B 184 7.73 3.93 -12.53
C GLY B 184 9.22 3.90 -12.80
N GLU B 185 9.91 4.91 -12.30
CA GLU B 185 11.35 4.96 -12.41
C GLU B 185 11.90 5.76 -11.23
N PRO B 186 12.99 5.29 -10.62
CA PRO B 186 13.56 6.05 -9.49
C PRO B 186 14.34 7.29 -9.91
N ALA B 187 14.71 8.10 -8.92
CA ALA B 187 15.62 9.21 -9.12
C ALA B 187 16.43 9.40 -7.83
N GLY B 188 17.63 9.95 -7.94
CA GLY B 188 18.49 10.13 -6.75
C GLY B 188 19.65 11.03 -7.09
N TYR B 189 20.58 11.20 -6.15
CA TYR B 189 21.88 11.85 -6.42
C TYR B 189 22.99 11.26 -5.56
C1 NAG C . 16.35 12.72 14.16
C2 NAG C . 15.88 13.96 13.40
C3 NAG C . 16.59 15.24 13.83
C4 NAG C . 16.86 15.33 15.34
C5 NAG C . 17.39 14.02 15.90
C6 NAG C . 17.69 14.09 17.41
C7 NAG C . 15.03 13.79 11.13
C8 NAG C . 15.36 13.49 9.70
N2 NAG C . 16.05 13.70 11.98
O3 NAG C . 15.80 16.36 13.49
O4 NAG C . 17.77 16.38 15.61
O5 NAG C . 16.46 12.98 15.57
O6 NAG C . 16.50 13.98 18.17
O7 NAG C . 13.88 14.10 11.46
C1 NAG D . -29.63 -2.41 4.11
C2 NAG D . -29.77 -0.88 4.00
C3 NAG D . -29.82 -0.20 5.37
C4 NAG D . -30.73 -0.94 6.36
C5 NAG D . -30.33 -2.44 6.39
C6 NAG D . -31.16 -3.27 7.37
C7 NAG D . -28.83 0.07 1.93
C8 NAG D . -27.65 0.74 1.29
N2 NAG D . -28.70 -0.27 3.22
O3 NAG D . -30.26 1.14 5.20
O4 NAG D . -30.70 -0.31 7.63
O5 NAG D . -30.47 -3.01 5.09
O6 NAG D . -32.41 -3.59 6.81
O7 NAG D . -29.87 -0.16 1.28
C1 NAG E . -1.43 -18.44 20.67
C2 NAG E . -2.93 -18.75 20.67
C3 NAG E . -3.27 -19.89 21.64
C4 NAG E . -2.38 -21.11 21.42
C5 NAG E . -0.89 -20.75 21.27
C6 NAG E . -0.07 -21.92 20.72
C7 NAG E . -4.51 -17.00 20.02
C8 NAG E . -5.36 -15.84 20.49
N2 NAG E . -3.78 -17.61 20.97
O3 NAG E . -4.61 -20.27 21.44
O4 NAG E . -2.56 -22.01 22.50
O5 NAG E . -0.71 -19.64 20.40
O6 NAG E . 1.29 -21.54 20.66
O7 NAG E . -4.52 -17.32 18.83
C1 NAG F . 10.86 -4.64 19.03
C2 NAG F . 11.76 -3.66 19.78
C3 NAG F . 11.81 -3.96 21.30
C4 NAG F . 10.44 -4.37 21.88
C5 NAG F . 9.68 -5.34 20.96
C6 NAG F . 8.28 -5.64 21.48
C7 NAG F . 13.57 -2.66 18.48
C8 NAG F . 14.94 -2.85 17.88
N2 NAG F . 13.08 -3.70 19.15
O3 NAG F . 12.26 -2.82 21.97
O4 NAG F . 10.61 -5.01 23.14
O5 NAG F . 9.61 -4.75 19.68
O6 NAG F . 7.51 -4.46 21.41
O7 NAG F . 13.00 -1.58 18.35
C1 NAG G . -14.20 24.62 12.56
C2 NAG G . -15.58 24.38 11.96
C3 NAG G . -16.67 24.87 12.92
C4 NAG G . -16.42 24.38 14.35
C5 NAG G . -15.00 24.67 14.85
C6 NAG G . -14.74 24.00 16.21
C7 NAG G . -15.89 24.28 9.48
C8 NAG G . -15.91 25.07 8.19
N2 NAG G . -15.66 24.98 10.62
O3 NAG G . -17.92 24.39 12.50
O4 NAG G . -17.36 24.98 15.23
O5 NAG G . -14.05 24.19 13.92
O6 NAG G . -13.52 24.47 16.74
O7 NAG G . -16.08 23.06 9.44
CL CL H . -9.29 18.33 -11.49
NA NA I . 16.45 0.23 -11.15
C1 NAG J . -8.03 -26.35 -2.05
C2 NAG J . -9.10 -27.45 -2.15
C3 NAG J . -8.51 -28.76 -1.61
C4 NAG J . -7.16 -29.09 -2.25
C5 NAG J . -6.27 -27.84 -2.34
C6 NAG J . -5.09 -28.07 -3.25
C7 NAG J . -10.45 -26.93 -0.12
C8 NAG J . -11.85 -26.72 0.36
N2 NAG J . -10.34 -27.17 -1.44
O3 NAG J . -9.41 -29.85 -1.74
O4 NAG J . -6.51 -30.08 -1.46
O5 NAG J . -6.94 -26.71 -2.85
O6 NAG J . -5.45 -29.09 -4.15
O7 NAG J . -9.53 -26.85 0.70
O 8WY K . -5.76 -1.27 2.27
C 8WY K . -5.92 -2.28 1.53
OXT 8WY K . -5.58 -3.44 1.81
CA 8WY K . -6.52 -2.01 0.14
N 8WY K . -7.52 -0.94 0.29
CB 8WY K . -5.36 -1.59 -0.79
CAG 8WY K . -5.82 -0.86 -2.04
CAH 8WY K . -4.62 -0.30 -2.82
OAK 8WY K . -3.99 -1.37 -3.54
CAI 8WY K . -5.11 0.76 -3.87
CL CL L . 2.83 2.01 -6.44
#